data_3QW3
#
_entry.id   3QW3
#
_cell.length_a   101.377
_cell.length_b   98.165
_cell.length_c   62.137
_cell.angle_alpha   90.000
_cell.angle_beta   106.540
_cell.angle_gamma   90.000
#
_symmetry.space_group_name_H-M   'C 1 2 1'
#
loop_
_entity.id
_entity.type
_entity.pdbx_description
1 polymer 'Orotidine-5-phosphate decarboxylase/orotate phosphoribosyltransferase, putative (Ompdcase-oprtase, putative)'
2 non-polymer 'SULFATE ION'
3 water water
#
_entity_poly.entity_id   1
_entity_poly.type   'polypeptide(L)'
_entity_poly.pdbx_seq_one_letter_code
;MSFFDLLNERAKRSLLCVGLDPRAKTAAAAVEECKRLIEQTHEYAAAYKPNAAFFEFFGAEGWAALSEVIRAVPAGIPVV
LDAKRGDIADTADAYATSAFKHLNAHAITASPYMGSDSLQPFMRYPDKAVFVLCKTSNKGSNDLQCLRVGDRYLYEAVAE
RAEGPWNVNGNVGLVVGATDPVALARVRARAPTLWFLVPGIGAQGGSLKASLDAGLRADGSGMLINVSRGLARAADPRAA
AKELCEEINAIRFAA
;
_entity_poly.pdbx_strand_id   A,B
#
loop_
_chem_comp.id
_chem_comp.type
_chem_comp.name
_chem_comp.formula
SO4 non-polymer 'SULFATE ION' 'O4 S -2'
#
# COMPACT_ATOMS: atom_id res chain seq x y z
N MET A 1 17.88 -18.04 -10.70
CA MET A 1 17.10 -17.21 -11.66
C MET A 1 16.42 -16.03 -10.94
N SER A 2 17.25 -15.13 -10.41
CA SER A 2 16.76 -13.96 -9.65
C SER A 2 16.19 -12.90 -10.58
N PHE A 3 15.44 -11.96 -9.99
CA PHE A 3 14.95 -10.81 -10.73
C PHE A 3 16.06 -10.07 -11.45
N PHE A 4 17.15 -9.78 -10.74
CA PHE A 4 18.25 -9.01 -11.33
C PHE A 4 19.10 -9.81 -12.33
N ASP A 5 19.13 -11.13 -12.19
CA ASP A 5 19.72 -12.00 -13.23
C ASP A 5 18.94 -11.89 -14.53
N LEU A 6 17.61 -11.94 -14.42
CA LEU A 6 16.74 -11.83 -15.57
C LEU A 6 16.82 -10.42 -16.15
N LEU A 7 16.76 -9.41 -15.29
CA LEU A 7 16.78 -8.03 -15.77
C LEU A 7 18.10 -7.65 -16.43
N ASN A 8 19.22 -8.05 -15.83
CA ASN A 8 20.52 -7.77 -16.43
C ASN A 8 20.65 -8.39 -17.81
N GLU A 9 20.11 -9.59 -17.99
CA GLU A 9 20.09 -10.24 -19.31
C GLU A 9 19.24 -9.44 -20.29
N ARG A 10 18.04 -9.04 -19.88
CA ARG A 10 17.17 -8.24 -20.75
C ARG A 10 17.77 -6.87 -21.05
N ALA A 11 18.49 -6.29 -20.09
CA ALA A 11 19.07 -4.94 -20.23
C ALA A 11 20.11 -4.88 -21.33
N LYS A 12 20.64 -6.04 -21.72
CA LYS A 12 21.53 -6.12 -22.87
C LYS A 12 20.81 -5.68 -24.14
N ARG A 13 19.48 -5.82 -24.13
CA ARG A 13 18.66 -5.50 -25.31
C ARG A 13 17.72 -4.31 -25.12
N SER A 14 17.27 -4.08 -23.87
CA SER A 14 16.18 -3.13 -23.64
C SER A 14 16.11 -2.65 -22.19
N LEU A 15 15.65 -1.41 -22.01
CA LEU A 15 15.29 -0.91 -20.67
C LEU A 15 13.80 -0.60 -20.57
N LEU A 16 13.03 -1.09 -21.54
CA LEU A 16 11.59 -0.80 -21.60
C LEU A 16 10.77 -1.73 -20.72
N CYS A 17 10.01 -1.15 -19.79
CA CYS A 17 9.05 -1.90 -18.98
C CYS A 17 7.66 -1.64 -19.54
N VAL A 18 6.94 -2.71 -19.86
CA VAL A 18 5.61 -2.58 -20.45
C VAL A 18 4.55 -2.74 -19.38
N GLY A 19 3.79 -1.68 -19.14
CA GLY A 19 2.69 -1.72 -18.18
C GLY A 19 1.56 -2.60 -18.68
N LEU A 20 0.97 -3.39 -17.78
CA LEU A 20 -0.21 -4.16 -18.13
C LEU A 20 -1.36 -3.63 -17.30
N ASP A 21 -2.10 -2.71 -17.91
CA ASP A 21 -3.14 -1.94 -17.26
C ASP A 21 -4.42 -2.07 -18.08
N PRO A 22 -5.06 -3.25 -18.01
CA PRO A 22 -6.17 -3.56 -18.94
C PRO A 22 -7.36 -2.61 -18.80
N ARG A 23 -7.91 -2.18 -19.93
CA ARG A 23 -9.10 -1.33 -19.97
C ARG A 23 -10.38 -2.15 -20.11
N ALA A 24 -10.22 -3.45 -20.37
CA ALA A 24 -11.34 -4.37 -20.59
C ALA A 24 -12.32 -4.42 -19.43
N LYS A 25 -13.57 -4.73 -19.73
CA LYS A 25 -14.67 -4.65 -18.75
C LYS A 25 -14.98 -5.97 -18.02
N THR A 26 -14.37 -7.06 -18.46
CA THR A 26 -14.45 -8.34 -17.75
C THR A 26 -13.04 -8.90 -17.53
N ALA A 27 -12.90 -9.78 -16.55
CA ALA A 27 -11.64 -10.47 -16.30
C ALA A 27 -11.13 -11.24 -17.52
N ALA A 28 -12.02 -12.01 -18.16
CA ALA A 28 -11.67 -12.81 -19.32
C ALA A 28 -11.15 -11.94 -20.48
N ALA A 29 -11.81 -10.82 -20.72
CA ALA A 29 -11.38 -9.88 -21.74
C ALA A 29 -10.05 -9.22 -21.37
N ALA A 30 -9.86 -8.94 -20.08
CA ALA A 30 -8.61 -8.34 -19.58
C ALA A 30 -7.41 -9.25 -19.86
N VAL A 31 -7.58 -10.55 -19.62
CA VAL A 31 -6.54 -11.54 -19.90
C VAL A 31 -6.17 -11.52 -21.39
N GLU A 32 -7.17 -11.52 -22.26
CA GLU A 32 -6.93 -11.51 -23.70
C GLU A 32 -6.21 -10.25 -24.16
N GLU A 33 -6.67 -9.10 -23.64
CA GLU A 33 -6.04 -7.81 -23.90
C GLU A 33 -4.56 -7.81 -23.52
N CYS A 34 -4.26 -8.31 -22.32
CA CYS A 34 -2.87 -8.40 -21.86
C CYS A 34 -2.04 -9.37 -22.69
N LYS A 35 -2.61 -10.53 -23.01
CA LYS A 35 -1.93 -11.52 -23.86
C LYS A 35 -1.56 -10.93 -25.24
N ARG A 36 -2.49 -10.20 -25.84
CA ARG A 36 -2.27 -9.52 -27.12
C ARG A 36 -1.13 -8.51 -27.02
N LEU A 37 -1.12 -7.70 -25.96
CA LEU A 37 -0.05 -6.71 -25.77
C LEU A 37 1.31 -7.37 -25.53
N ILE A 38 1.33 -8.47 -24.78
CA ILE A 38 2.56 -9.22 -24.53
C ILE A 38 3.09 -9.76 -25.87
N GLU A 39 2.20 -10.33 -26.67
CA GLU A 39 2.58 -10.84 -28.00
C GLU A 39 3.18 -9.76 -28.89
N GLN A 40 2.63 -8.55 -28.81
CA GLN A 40 3.10 -7.44 -29.64
C GLN A 40 4.43 -6.82 -29.18
N THR A 41 4.76 -6.96 -27.90
CA THR A 41 5.84 -6.19 -27.30
C THR A 41 7.03 -6.97 -26.72
N HIS A 42 6.88 -8.28 -26.53
CA HIS A 42 7.87 -9.04 -25.76
C HIS A 42 9.30 -9.01 -26.32
N GLU A 43 9.44 -8.92 -27.64
CA GLU A 43 10.76 -8.84 -28.25
C GLU A 43 11.55 -7.62 -27.77
N TYR A 44 10.84 -6.59 -27.32
CA TYR A 44 11.45 -5.33 -26.91
C TYR A 44 11.25 -4.98 -25.45
N ALA A 45 10.75 -5.93 -24.66
CA ALA A 45 10.43 -5.68 -23.25
C ALA A 45 11.52 -6.21 -22.30
N ALA A 46 11.97 -5.35 -21.39
CA ALA A 46 12.87 -5.76 -20.31
C ALA A 46 12.08 -6.30 -19.12
N ALA A 47 10.84 -5.85 -18.98
CA ALA A 47 9.96 -6.28 -17.89
C ALA A 47 8.52 -6.01 -18.25
N TYR A 48 7.60 -6.69 -17.56
CA TYR A 48 6.18 -6.34 -17.56
C TYR A 48 5.75 -5.91 -16.16
N LYS A 49 4.82 -4.96 -16.12
CA LYS A 49 4.32 -4.42 -14.86
C LYS A 49 2.79 -4.47 -14.78
N PRO A 50 2.25 -5.61 -14.30
CA PRO A 50 0.80 -5.68 -14.15
C PRO A 50 0.29 -4.79 -13.01
N ASN A 51 -0.87 -4.20 -13.26
CA ASN A 51 -1.55 -3.29 -12.34
C ASN A 51 -2.38 -4.07 -11.33
N ALA A 52 -1.90 -4.18 -10.09
CA ALA A 52 -2.57 -5.00 -9.07
C ALA A 52 -4.00 -4.54 -8.79
N ALA A 53 -4.23 -3.23 -8.88
CA ALA A 53 -5.58 -2.68 -8.62
C ALA A 53 -6.58 -3.05 -9.71
N PHE A 54 -6.12 -3.01 -10.96
CA PHE A 54 -7.00 -3.30 -12.09
C PHE A 54 -7.47 -4.76 -12.05
N PHE A 55 -6.60 -5.65 -11.59
CA PHE A 55 -6.98 -7.06 -11.48
C PHE A 55 -7.85 -7.31 -10.24
N GLU A 56 -7.54 -6.64 -9.13
CA GLU A 56 -8.36 -6.73 -7.93
C GLU A 56 -9.81 -6.28 -8.22
N PHE A 57 -9.95 -5.31 -9.12
CA PHE A 57 -11.25 -4.75 -9.53
C PHE A 57 -12.24 -5.84 -9.97
N PHE A 58 -11.74 -6.88 -10.64
CA PHE A 58 -12.61 -7.95 -11.14
C PHE A 58 -13.00 -8.99 -10.09
N GLY A 59 -12.57 -8.76 -8.86
CA GLY A 59 -12.99 -9.60 -7.73
C GLY A 59 -12.44 -11.00 -7.77
N ALA A 60 -13.31 -11.98 -7.57
CA ALA A 60 -12.92 -13.39 -7.55
C ALA A 60 -12.11 -13.74 -8.79
N GLU A 61 -12.69 -13.46 -9.96
CA GLU A 61 -12.06 -13.77 -11.24
C GLU A 61 -10.76 -13.00 -11.46
N GLY A 62 -10.61 -11.87 -10.75
CA GLY A 62 -9.45 -11.01 -10.86
C GLY A 62 -8.10 -11.64 -10.52
N TRP A 63 -8.03 -12.35 -9.39
N TRP A 63 -8.03 -12.38 -9.43
CA TRP A 63 -6.78 -13.02 -8.96
CA TRP A 63 -6.75 -12.94 -9.01
C TRP A 63 -6.34 -14.04 -9.98
C TRP A 63 -6.31 -14.13 -9.87
N ALA A 64 -7.29 -14.85 -10.44
CA ALA A 64 -7.01 -15.92 -11.41
C ALA A 64 -6.54 -15.32 -12.73
N ALA A 65 -7.16 -14.20 -13.11
CA ALA A 65 -6.78 -13.46 -14.31
C ALA A 65 -5.36 -12.94 -14.21
N LEU A 66 -5.00 -12.38 -13.05
CA LEU A 66 -3.65 -11.88 -12.82
C LEU A 66 -2.64 -13.03 -12.88
N SER A 67 -2.99 -14.16 -12.27
CA SER A 67 -2.12 -15.34 -12.29
C SER A 67 -1.87 -15.79 -13.74
N GLU A 68 -2.94 -15.84 -14.52
CA GLU A 68 -2.88 -16.26 -15.92
C GLU A 68 -2.05 -15.29 -16.77
N VAL A 69 -2.22 -13.99 -16.54
CA VAL A 69 -1.45 -12.98 -17.28
C VAL A 69 0.04 -13.09 -16.97
N ILE A 70 0.38 -13.27 -15.69
CA ILE A 70 1.79 -13.43 -15.29
C ILE A 70 2.40 -14.68 -15.95
N ARG A 71 1.66 -15.79 -15.93
CA ARG A 71 2.10 -17.04 -16.57
C ARG A 71 2.31 -16.84 -18.07
N ALA A 72 1.55 -15.93 -18.67
CA ALA A 72 1.62 -15.63 -20.12
C ALA A 72 2.90 -14.91 -20.55
N VAL A 73 3.56 -14.25 -19.60
CA VAL A 73 4.80 -13.55 -19.89
C VAL A 73 5.90 -14.57 -20.21
N PRO A 74 6.57 -14.42 -21.38
CA PRO A 74 7.62 -15.36 -21.78
C PRO A 74 8.66 -15.61 -20.70
N ALA A 75 9.14 -16.85 -20.62
CA ALA A 75 10.25 -17.17 -19.73
C ALA A 75 11.42 -16.25 -20.05
N GLY A 76 12.06 -15.75 -19.00
CA GLY A 76 13.21 -14.87 -19.14
C GLY A 76 12.90 -13.38 -18.98
N ILE A 77 11.63 -13.02 -19.01
CA ILE A 77 11.22 -11.62 -18.82
C ILE A 77 10.60 -11.45 -17.43
N PRO A 78 11.24 -10.64 -16.57
CA PRO A 78 10.75 -10.51 -15.20
C PRO A 78 9.46 -9.69 -15.11
N VAL A 79 8.66 -9.99 -14.09
CA VAL A 79 7.38 -9.34 -13.86
C VAL A 79 7.47 -8.56 -12.55
N VAL A 80 7.12 -7.27 -12.63
CA VAL A 80 7.03 -6.42 -11.46
C VAL A 80 5.56 -6.24 -11.12
N LEU A 81 5.11 -6.78 -9.99
CA LEU A 81 3.74 -6.57 -9.56
C LEU A 81 3.64 -5.18 -8.94
N ASP A 82 2.90 -4.28 -9.59
CA ASP A 82 2.76 -2.92 -9.07
C ASP A 82 1.61 -2.86 -8.08
N ALA A 83 1.95 -3.19 -6.84
CA ALA A 83 0.98 -3.36 -5.77
C ALA A 83 1.12 -2.31 -4.66
N LYS A 84 2.27 -1.62 -4.63
CA LYS A 84 2.59 -0.59 -3.63
C LYS A 84 2.12 -0.99 -2.22
N ARG A 85 2.61 -2.13 -1.76
CA ARG A 85 2.23 -2.67 -0.47
C ARG A 85 3.07 -2.09 0.66
N GLY A 86 2.54 -2.13 1.87
CA GLY A 86 3.32 -1.73 3.03
C GLY A 86 2.54 -2.03 4.28
N ASP A 87 3.07 -2.94 5.09
CA ASP A 87 2.45 -3.30 6.36
C ASP A 87 3.54 -3.94 7.21
N ILE A 88 3.18 -4.54 8.33
CA ILE A 88 4.21 -5.17 9.16
C ILE A 88 3.99 -6.66 9.40
N ALA A 89 5.00 -7.31 9.96
CA ALA A 89 4.91 -8.67 10.50
C ALA A 89 4.22 -9.67 9.56
N ASP A 90 3.29 -10.45 10.11
CA ASP A 90 2.58 -11.50 9.37
C ASP A 90 1.83 -10.96 8.16
N THR A 91 1.33 -9.73 8.26
CA THR A 91 0.57 -9.12 7.18
C THR A 91 1.47 -8.89 5.98
N ALA A 92 2.61 -8.25 6.20
CA ALA A 92 3.58 -8.03 5.12
C ALA A 92 4.11 -9.37 4.58
N ASP A 93 4.33 -10.35 5.46
CA ASP A 93 4.71 -11.71 5.03
C ASP A 93 3.69 -12.30 4.07
N ALA A 94 2.39 -12.07 4.35
CA ALA A 94 1.32 -12.58 3.52
C ALA A 94 1.30 -11.93 2.13
N TYR A 95 1.49 -10.61 2.09
CA TYR A 95 1.60 -9.90 0.81
C TYR A 95 2.78 -10.45 -0.01
N ALA A 96 3.90 -10.70 0.68
CA ALA A 96 5.12 -11.17 0.01
C ALA A 96 4.90 -12.56 -0.56
N THR A 97 4.37 -13.46 0.25
CA THR A 97 4.06 -14.81 -0.21
C THR A 97 3.10 -14.79 -1.39
N SER A 98 2.06 -13.97 -1.29
CA SER A 98 1.10 -13.83 -2.37
C SER A 98 1.77 -13.42 -3.69
N ALA A 99 2.55 -12.34 -3.64
CA ALA A 99 3.18 -11.79 -4.84
C ALA A 99 4.26 -12.68 -5.42
N PHE A 100 5.11 -13.22 -4.54
CA PHE A 100 6.34 -13.89 -4.96
C PHE A 100 6.17 -15.39 -5.18
N LYS A 101 5.32 -16.04 -4.39
CA LYS A 101 5.15 -17.48 -4.48
C LYS A 101 3.85 -17.90 -5.15
N HIS A 102 2.73 -17.33 -4.70
CA HIS A 102 1.44 -17.68 -5.28
C HIS A 102 1.28 -17.15 -6.70
N LEU A 103 1.56 -15.86 -6.89
CA LEU A 103 1.44 -15.24 -8.22
C LEU A 103 2.70 -15.40 -9.07
N ASN A 104 3.81 -15.72 -8.41
CA ASN A 104 5.12 -15.93 -9.06
C ASN A 104 5.64 -14.69 -9.80
N ALA A 105 5.36 -13.52 -9.25
CA ALA A 105 5.99 -12.30 -9.74
C ALA A 105 7.44 -12.29 -9.27
N HIS A 106 8.29 -11.56 -9.97
CA HIS A 106 9.72 -11.50 -9.64
C HIS A 106 10.07 -10.29 -8.79
N ALA A 107 9.14 -9.34 -8.69
CA ALA A 107 9.36 -8.10 -7.97
C ALA A 107 8.03 -7.47 -7.56
N ILE A 108 8.10 -6.57 -6.60
CA ILE A 108 6.92 -5.84 -6.13
C ILE A 108 7.29 -4.38 -5.86
N THR A 109 6.30 -3.49 -5.93
CA THR A 109 6.51 -2.11 -5.46
C THR A 109 5.99 -1.97 -4.03
N ALA A 110 6.59 -1.07 -3.28
CA ALA A 110 6.29 -0.94 -1.85
C ALA A 110 6.44 0.49 -1.36
N SER A 111 5.62 0.87 -0.38
CA SER A 111 5.70 2.17 0.27
C SER A 111 6.77 2.14 1.37
N PRO A 112 7.54 3.24 1.52
CA PRO A 112 8.55 3.32 2.56
C PRO A 112 8.03 3.82 3.91
N TYR A 113 6.77 4.22 3.98
CA TYR A 113 6.29 4.99 5.14
C TYR A 113 6.45 4.32 6.51
N MET A 114 6.28 3.00 6.57
CA MET A 114 6.40 2.29 7.83
C MET A 114 7.83 1.80 8.13
N GLY A 115 8.77 2.15 7.24
CA GLY A 115 10.19 1.95 7.51
C GLY A 115 10.73 0.54 7.34
N SER A 116 11.94 0.32 7.86
CA SER A 116 12.71 -0.90 7.57
C SER A 116 12.00 -2.23 7.81
N ASP A 117 11.37 -2.41 8.98
CA ASP A 117 10.72 -3.69 9.29
C ASP A 117 9.43 -3.93 8.52
N SER A 118 8.90 -2.90 7.88
N SER A 118 8.89 -2.89 7.91
CA SER A 118 7.77 -3.05 6.98
CA SER A 118 7.79 -3.04 6.97
C SER A 118 8.23 -3.46 5.58
C SER A 118 8.29 -3.65 5.67
N LEU A 119 9.52 -3.29 5.32
CA LEU A 119 10.11 -3.65 4.03
C LEU A 119 10.85 -4.98 4.05
N GLN A 120 11.44 -5.30 5.21
CA GLN A 120 12.17 -6.56 5.41
C GLN A 120 11.43 -7.83 4.94
N PRO A 121 10.11 -7.96 5.23
CA PRO A 121 9.39 -9.15 4.77
C PRO A 121 9.39 -9.33 3.25
N PHE A 122 9.53 -8.24 2.50
CA PHE A 122 9.68 -8.34 1.06
C PHE A 122 11.15 -8.58 0.69
N MET A 123 12.05 -7.84 1.33
CA MET A 123 13.47 -7.86 0.97
C MET A 123 14.21 -9.13 1.38
N ARG A 124 13.59 -9.93 2.25
CA ARG A 124 14.21 -11.18 2.72
C ARG A 124 14.27 -12.27 1.64
N TYR A 125 13.58 -12.06 0.53
CA TYR A 125 13.64 -12.94 -0.62
C TYR A 125 14.76 -12.45 -1.54
N PRO A 126 15.95 -13.09 -1.48
CA PRO A 126 17.09 -12.56 -2.26
C PRO A 126 16.87 -12.60 -3.78
N ASP A 127 16.04 -13.52 -4.24
CA ASP A 127 15.74 -13.71 -5.67
C ASP A 127 14.66 -12.76 -6.20
N LYS A 128 14.04 -12.00 -5.28
CA LYS A 128 12.97 -11.07 -5.62
C LYS A 128 13.40 -9.63 -5.35
N ALA A 129 12.89 -8.70 -6.14
CA ALA A 129 13.26 -7.30 -5.95
C ALA A 129 12.11 -6.53 -5.32
N VAL A 130 12.47 -5.46 -4.60
CA VAL A 130 11.50 -4.57 -4.00
C VAL A 130 11.82 -3.16 -4.46
N PHE A 131 10.91 -2.60 -5.27
CA PHE A 131 11.03 -1.22 -5.71
C PHE A 131 10.27 -0.32 -4.74
N VAL A 132 11.00 0.49 -3.99
CA VAL A 132 10.42 1.32 -2.93
C VAL A 132 10.09 2.71 -3.47
N LEU A 133 8.88 3.18 -3.19
CA LEU A 133 8.48 4.52 -3.62
C LEU A 133 9.47 5.55 -3.11
N CYS A 134 9.91 6.43 -4.00
CA CYS A 134 10.88 7.46 -3.61
C CYS A 134 10.38 8.85 -4.02
N LYS A 135 10.34 9.09 -5.32
CA LYS A 135 9.84 10.35 -5.84
C LYS A 135 8.81 10.07 -6.93
N THR A 136 7.58 10.51 -6.72
CA THR A 136 6.53 10.38 -7.71
C THR A 136 6.17 11.76 -8.30
N SER A 137 5.55 11.77 -9.48
CA SER A 137 5.36 13.02 -10.22
CA SER A 137 5.35 12.99 -10.26
C SER A 137 4.05 13.75 -9.97
N ASN A 138 3.11 13.08 -9.30
CA ASN A 138 1.80 13.66 -8.99
C ASN A 138 1.88 14.86 -8.04
N LYS A 139 0.86 15.72 -8.07
CA LYS A 139 0.82 16.94 -7.27
C LYS A 139 1.05 16.72 -5.78
N GLY A 140 0.57 15.59 -5.27
CA GLY A 140 0.70 15.24 -3.85
C GLY A 140 2.12 15.03 -3.38
N SER A 141 3.04 14.84 -4.33
CA SER A 141 4.48 14.75 -4.05
C SER A 141 4.98 15.90 -3.19
N ASN A 142 4.30 17.05 -3.28
CA ASN A 142 4.66 18.22 -2.48
C ASN A 142 4.42 18.01 -0.99
N ASP A 143 3.42 17.20 -0.66
CA ASP A 143 2.97 17.04 0.72
C ASP A 143 4.00 16.46 1.68
N LEU A 144 4.69 15.41 1.24
CA LEU A 144 5.64 14.70 2.08
C LEU A 144 7.02 14.59 1.45
N GLN A 145 7.06 14.15 0.19
CA GLN A 145 8.32 13.85 -0.48
C GLN A 145 9.27 15.05 -0.57
N CYS A 146 8.69 16.23 -0.77
CA CYS A 146 9.49 17.44 -0.96
C CYS A 146 9.64 18.27 0.32
N LEU A 147 9.25 17.70 1.45
CA LEU A 147 9.53 18.30 2.75
C LEU A 147 11.03 18.24 3.02
N ARG A 148 11.54 19.25 3.73
N ARG A 148 11.55 19.25 3.72
CA ARG A 148 12.96 19.38 4.00
CA ARG A 148 12.98 19.35 3.96
C ARG A 148 13.35 18.68 5.30
C ARG A 148 13.39 18.70 5.28
N VAL A 149 14.28 17.72 5.19
CA VAL A 149 14.87 17.06 6.36
C VAL A 149 16.34 17.46 6.39
N GLY A 150 16.70 18.35 7.31
CA GLY A 150 18.05 18.91 7.34
C GLY A 150 18.36 19.68 6.07
N ASP A 151 19.40 19.25 5.35
CA ASP A 151 19.79 19.91 4.12
C ASP A 151 19.37 19.13 2.87
N ARG A 152 18.31 18.33 2.99
CA ARG A 152 17.82 17.54 1.86
C ARG A 152 16.32 17.26 1.92
N TYR A 153 15.75 16.82 0.81
CA TYR A 153 14.35 16.47 0.74
C TYR A 153 14.09 15.10 1.34
N LEU A 154 12.87 14.86 1.80
CA LEU A 154 12.50 13.54 2.33
C LEU A 154 12.82 12.43 1.33
N TYR A 155 12.59 12.69 0.04
CA TYR A 155 12.86 11.65 -0.97
C TYR A 155 14.33 11.28 -1.07
N GLU A 156 15.21 12.26 -0.82
CA GLU A 156 16.64 12.00 -0.76
C GLU A 156 17.00 11.15 0.45
N ALA A 157 16.33 11.40 1.58
CA ALA A 157 16.52 10.56 2.78
C ALA A 157 16.09 9.11 2.55
N VAL A 158 15.01 8.92 1.80
CA VAL A 158 14.54 7.59 1.42
C VAL A 158 15.57 6.90 0.52
N ALA A 159 16.08 7.63 -0.47
CA ALA A 159 17.09 7.12 -1.39
C ALA A 159 18.36 6.65 -0.66
N GLU A 160 18.80 7.43 0.33
CA GLU A 160 19.98 7.09 1.13
C GLU A 160 19.78 5.80 1.92
N ARG A 161 18.63 5.69 2.58
CA ARG A 161 18.28 4.48 3.31
C ARG A 161 18.29 3.26 2.40
N ALA A 162 17.71 3.42 1.21
CA ALA A 162 17.58 2.33 0.26
C ALA A 162 18.93 1.85 -0.24
N GLU A 163 19.81 2.78 -0.61
CA GLU A 163 21.17 2.45 -1.08
C GLU A 163 22.01 1.91 0.08
N GLY A 164 21.75 2.42 1.28
CA GLY A 164 22.51 2.06 2.49
C GLY A 164 21.93 0.88 3.25
N PRO A 165 21.37 1.14 4.44
CA PRO A 165 20.92 0.09 5.37
C PRO A 165 19.93 -0.94 4.80
N TRP A 166 19.02 -0.50 3.93
CA TRP A 166 17.98 -1.40 3.42
C TRP A 166 18.48 -2.49 2.46
N ASN A 167 19.58 -2.21 1.75
CA ASN A 167 19.99 -3.06 0.63
C ASN A 167 20.91 -4.23 0.99
N VAL A 168 20.66 -4.84 2.15
CA VAL A 168 21.46 -5.97 2.61
C VAL A 168 21.45 -7.14 1.62
N ASN A 169 20.32 -7.36 0.97
CA ASN A 169 20.20 -8.46 0.01
C ASN A 169 20.46 -8.08 -1.46
N GLY A 170 20.83 -6.83 -1.70
CA GLY A 170 21.15 -6.35 -3.05
C GLY A 170 19.96 -6.41 -3.98
N ASN A 171 18.76 -6.32 -3.40
CA ASN A 171 17.52 -6.49 -4.15
C ASN A 171 16.56 -5.31 -4.04
N VAL A 172 17.06 -4.18 -3.55
CA VAL A 172 16.26 -2.96 -3.41
C VAL A 172 16.42 -2.06 -4.62
N GLY A 173 15.29 -1.55 -5.10
CA GLY A 173 15.25 -0.54 -6.15
C GLY A 173 14.38 0.61 -5.68
N LEU A 174 14.28 1.64 -6.49
CA LEU A 174 13.48 2.82 -6.15
C LEU A 174 12.52 3.18 -7.27
N VAL A 175 11.34 3.67 -6.90
CA VAL A 175 10.41 4.23 -7.89
C VAL A 175 10.65 5.73 -7.96
N VAL A 176 11.04 6.22 -9.14
CA VAL A 176 11.41 7.62 -9.33
C VAL A 176 10.82 8.10 -10.65
N GLY A 177 9.95 9.11 -10.58
CA GLY A 177 9.25 9.64 -11.75
C GLY A 177 10.16 10.30 -12.78
N ALA A 178 9.71 10.33 -14.03
CA ALA A 178 10.48 10.93 -15.13
C ALA A 178 10.25 12.44 -15.31
N THR A 179 9.16 12.95 -14.72
CA THR A 179 8.71 14.32 -14.96
C THR A 179 9.61 15.41 -14.39
N ASP A 180 10.43 15.08 -13.40
CA ASP A 180 11.47 16.00 -12.93
C ASP A 180 12.87 15.38 -12.93
N PRO A 181 13.68 15.73 -13.94
CA PRO A 181 15.04 15.21 -14.07
C PRO A 181 15.99 15.74 -13.00
N VAL A 182 15.70 16.92 -12.45
CA VAL A 182 16.52 17.47 -11.37
C VAL A 182 16.41 16.60 -10.12
N ALA A 183 15.18 16.18 -9.80
CA ALA A 183 14.94 15.28 -8.67
C ALA A 183 15.54 13.90 -8.95
N LEU A 184 15.36 13.43 -10.18
CA LEU A 184 15.92 12.14 -10.60
C LEU A 184 17.44 12.12 -10.41
N ALA A 185 18.11 13.22 -10.78
CA ALA A 185 19.56 13.32 -10.59
C ALA A 185 19.96 13.35 -9.12
N ARG A 186 19.16 14.00 -8.28
CA ARG A 186 19.39 14.02 -6.84
C ARG A 186 19.34 12.60 -6.28
N VAL A 187 18.36 11.82 -6.73
CA VAL A 187 18.21 10.45 -6.27
C VAL A 187 19.41 9.59 -6.71
N ARG A 188 19.83 9.75 -7.97
CA ARG A 188 21.00 9.03 -8.45
C ARG A 188 22.29 9.38 -7.68
N ALA A 189 22.39 10.62 -7.21
CA ALA A 189 23.51 11.05 -6.39
C ALA A 189 23.52 10.38 -5.01
N ARG A 190 22.33 10.19 -4.45
CA ARG A 190 22.17 9.53 -3.14
C ARG A 190 22.25 8.01 -3.24
N ALA A 191 21.83 7.50 -4.40
CA ALA A 191 21.77 6.06 -4.64
C ALA A 191 22.42 5.72 -5.98
N PRO A 192 23.76 5.61 -6.00
CA PRO A 192 24.50 5.41 -7.25
C PRO A 192 24.32 4.05 -7.93
N THR A 193 23.91 3.02 -7.20
CA THR A 193 23.87 1.66 -7.77
C THR A 193 22.47 1.07 -7.99
N LEU A 194 21.46 1.64 -7.33
CA LEU A 194 20.13 1.01 -7.37
C LEU A 194 19.44 1.16 -8.71
N TRP A 195 18.66 0.15 -9.09
CA TRP A 195 17.77 0.27 -10.24
C TRP A 195 16.63 1.20 -9.89
N PHE A 196 16.26 2.06 -10.84
CA PHE A 196 15.07 2.89 -10.69
C PHE A 196 13.98 2.36 -11.61
N LEU A 197 12.76 2.26 -11.09
CA LEU A 197 11.60 2.03 -11.93
C LEU A 197 11.04 3.42 -12.19
N VAL A 198 10.95 3.76 -13.47
CA VAL A 198 10.71 5.15 -13.89
C VAL A 198 9.42 5.25 -14.69
N PRO A 199 8.31 5.60 -14.02
CA PRO A 199 7.04 5.76 -14.74
C PRO A 199 6.81 7.18 -15.26
N GLY A 200 5.96 7.28 -16.28
CA GLY A 200 5.44 8.57 -16.77
C GLY A 200 6.32 9.47 -17.62
N ILE A 201 6.95 8.92 -18.67
CA ILE A 201 7.74 9.74 -19.61
C ILE A 201 6.89 10.66 -20.49
N SER A 207 10.00 13.48 -21.97
CA SER A 207 11.16 13.81 -21.15
C SER A 207 12.18 12.66 -21.08
N LEU A 208 12.27 11.89 -22.18
CA LEU A 208 13.07 10.67 -22.19
C LEU A 208 14.57 10.90 -22.03
N LYS A 209 15.11 11.82 -22.84
CA LYS A 209 16.55 12.08 -22.87
C LYS A 209 17.05 12.64 -21.53
N ALA A 210 16.36 13.66 -21.03
CA ALA A 210 16.73 14.29 -19.76
C ALA A 210 16.70 13.29 -18.60
N SER A 211 15.69 12.41 -18.61
CA SER A 211 15.53 11.38 -17.58
C SER A 211 16.70 10.40 -17.59
N LEU A 212 17.06 9.91 -18.77
CA LEU A 212 18.17 8.98 -18.91
C LEU A 212 19.51 9.61 -18.55
N ASP A 213 19.73 10.83 -18.99
CA ASP A 213 20.95 11.56 -18.63
C ASP A 213 21.10 11.71 -17.12
N ALA A 214 19.99 11.96 -16.44
CA ALA A 214 20.01 12.16 -14.99
C ALA A 214 20.11 10.86 -14.22
N GLY A 215 19.44 9.83 -14.72
CA GLY A 215 19.22 8.60 -13.94
C GLY A 215 20.05 7.38 -14.26
N LEU A 216 20.64 7.31 -15.47
CA LEU A 216 21.48 6.16 -15.82
C LEU A 216 22.73 6.06 -14.94
N ARG A 217 23.14 4.84 -14.63
CA ARG A 217 24.38 4.58 -13.92
C ARG A 217 25.58 4.70 -14.87
N ALA A 218 26.78 4.59 -14.32
CA ALA A 218 28.03 4.59 -15.09
C ALA A 218 28.12 3.49 -16.15
N ASP A 219 27.34 2.42 -15.97
CA ASP A 219 27.36 1.29 -16.91
C ASP A 219 26.36 1.43 -18.05
N GLY A 220 25.62 2.54 -18.07
CA GLY A 220 24.60 2.76 -19.09
C GLY A 220 23.31 2.02 -18.80
N SER A 221 23.15 1.58 -17.56
CA SER A 221 21.97 0.80 -17.14
C SER A 221 21.38 1.37 -15.84
N GLY A 222 20.48 0.62 -15.20
CA GLY A 222 19.96 1.01 -13.90
C GLY A 222 18.69 1.84 -13.95
N MET A 223 18.10 1.97 -15.13
CA MET A 223 16.79 2.59 -15.25
C MET A 223 15.86 1.67 -16.01
N LEU A 224 14.68 1.49 -15.45
CA LEU A 224 13.64 0.69 -16.07
CA LEU A 224 13.64 0.69 -16.05
C LEU A 224 12.51 1.65 -16.42
N ILE A 225 12.36 1.93 -17.70
CA ILE A 225 11.41 2.93 -18.19
C ILE A 225 10.04 2.33 -18.48
N ASN A 226 9.07 2.64 -17.62
CA ASN A 226 7.74 2.09 -17.79
C ASN A 226 6.91 2.93 -18.74
N VAL A 227 6.24 2.25 -19.67
CA VAL A 227 5.26 2.89 -20.54
C VAL A 227 3.97 2.08 -20.49
N SER A 228 2.86 2.78 -20.24
CA SER A 228 1.55 2.14 -20.23
C SER A 228 0.71 2.59 -21.43
N ARG A 229 0.07 3.75 -21.30
CA ARG A 229 -0.83 4.27 -22.34
C ARG A 229 -0.17 4.48 -23.69
N GLY A 230 1.08 4.97 -23.66
CA GLY A 230 1.86 5.20 -24.88
C GLY A 230 2.05 3.96 -25.75
N LEU A 231 1.90 2.78 -25.15
CA LEU A 231 2.01 1.51 -25.87
C LEU A 231 0.65 0.87 -26.11
N ALA A 232 -0.11 0.69 -25.03
CA ALA A 232 -1.39 -0.02 -25.09
C ALA A 232 -2.38 0.67 -26.03
N ARG A 233 -2.31 2.00 -26.09
CA ARG A 233 -3.23 2.78 -26.91
C ARG A 233 -2.61 3.31 -28.21
N ALA A 234 -1.38 2.89 -28.51
CA ALA A 234 -0.76 3.21 -29.79
C ALA A 234 -1.45 2.43 -30.90
N ALA A 235 -1.57 3.03 -32.08
CA ALA A 235 -2.16 2.36 -33.24
C ALA A 235 -1.48 1.02 -33.53
N ASP A 236 -0.15 1.01 -33.38
CA ASP A 236 0.65 -0.19 -33.59
C ASP A 236 1.59 -0.39 -32.40
N PRO A 237 1.13 -1.10 -31.35
CA PRO A 237 1.95 -1.28 -30.15
C PRO A 237 3.28 -1.99 -30.42
N ARG A 238 3.29 -2.90 -31.39
CA ARG A 238 4.52 -3.59 -31.77
C ARG A 238 5.60 -2.59 -32.25
N ALA A 239 5.22 -1.73 -33.19
CA ALA A 239 6.15 -0.73 -33.72
C ALA A 239 6.51 0.30 -32.66
N ALA A 240 5.56 0.61 -31.79
CA ALA A 240 5.77 1.57 -30.70
C ALA A 240 6.83 1.08 -29.71
N ALA A 241 6.77 -0.20 -29.35
CA ALA A 241 7.72 -0.76 -28.41
C ALA A 241 9.10 -0.83 -29.04
N LYS A 242 9.16 -1.23 -30.31
CA LYS A 242 10.42 -1.26 -31.04
C LYS A 242 11.06 0.12 -31.05
N GLU A 243 10.29 1.15 -31.40
CA GLU A 243 10.79 2.52 -31.48
C GLU A 243 11.28 3.04 -30.12
N LEU A 244 10.49 2.82 -29.08
CA LEU A 244 10.86 3.26 -27.73
C LEU A 244 12.12 2.57 -27.24
N CYS A 245 12.18 1.24 -27.44
CA CYS A 245 13.37 0.47 -27.08
C CYS A 245 14.62 1.02 -27.78
N GLU A 246 14.50 1.25 -29.08
CA GLU A 246 15.63 1.72 -29.89
C GLU A 246 16.08 3.13 -29.53
N GLU A 247 15.10 4.00 -29.24
CA GLU A 247 15.38 5.37 -28.84
C GLU A 247 16.14 5.39 -27.52
N ILE A 248 15.71 4.57 -26.56
CA ILE A 248 16.40 4.44 -25.29
C ILE A 248 17.84 4.00 -25.51
N ASN A 249 18.02 2.93 -26.29
CA ASN A 249 19.36 2.40 -26.56
C ASN A 249 20.27 3.37 -27.28
N ALA A 250 19.73 4.14 -28.23
CA ALA A 250 20.52 5.14 -28.94
C ALA A 250 21.10 6.17 -27.98
N ILE A 251 20.31 6.56 -26.97
CA ILE A 251 20.78 7.48 -25.92
C ILE A 251 21.86 6.80 -25.05
N ARG A 252 21.63 5.55 -24.67
CA ARG A 252 22.62 4.78 -23.90
C ARG A 252 23.95 4.67 -24.65
N PHE A 253 23.88 4.38 -25.95
CA PHE A 253 25.09 4.17 -26.78
C PHE A 253 25.94 5.44 -26.93
N ALA A 254 25.26 6.58 -27.00
CA ALA A 254 25.91 7.87 -27.26
C ALA A 254 26.88 8.22 -26.15
N ALA A 255 28.05 8.74 -26.54
CA ALA A 255 29.12 9.10 -25.59
C ALA A 255 28.78 10.36 -24.82
N MET B 1 -26.37 6.26 6.00
CA MET B 1 -25.39 6.23 7.13
C MET B 1 -23.96 6.12 6.63
N SER B 2 -23.18 7.17 6.90
CA SER B 2 -21.75 7.18 6.58
C SER B 2 -21.02 6.27 7.56
N PHE B 3 -19.76 5.96 7.27
CA PHE B 3 -18.92 5.24 8.23
C PHE B 3 -19.01 5.89 9.62
N PHE B 4 -18.83 7.21 9.66
CA PHE B 4 -18.77 7.90 10.95
C PHE B 4 -20.13 7.99 11.66
N ASP B 5 -21.21 8.00 10.89
CA ASP B 5 -22.55 7.87 11.46
C ASP B 5 -22.70 6.52 12.19
N LEU B 6 -22.28 5.44 11.52
CA LEU B 6 -22.30 4.11 12.12
C LEU B 6 -21.38 4.02 13.34
N LEU B 7 -20.16 4.54 13.20
CA LEU B 7 -19.17 4.46 14.29
C LEU B 7 -19.63 5.26 15.51
N ASN B 8 -20.14 6.46 15.28
CA ASN B 8 -20.58 7.29 16.40
C ASN B 8 -21.76 6.67 17.16
N GLU B 9 -22.61 5.94 16.45
CA GLU B 9 -23.67 5.15 17.10
C GLU B 9 -23.06 4.04 17.95
N ARG B 10 -22.12 3.28 17.38
CA ARG B 10 -21.44 2.22 18.14
C ARG B 10 -20.63 2.77 19.32
N ALA B 11 -20.05 3.96 19.15
CA ALA B 11 -19.18 4.56 20.17
C ALA B 11 -19.92 4.89 21.46
N LYS B 12 -21.25 4.95 21.39
CA LYS B 12 -22.08 5.11 22.59
C LYS B 12 -21.90 3.92 23.53
N ARG B 13 -21.50 2.78 22.95
CA ARG B 13 -21.36 1.51 23.68
C ARG B 13 -19.93 0.97 23.77
N SER B 14 -19.12 1.25 22.75
CA SER B 14 -17.80 0.62 22.67
C SER B 14 -16.82 1.38 21.77
N LEU B 15 -15.54 1.32 22.11
CA LEU B 15 -14.47 1.79 21.21
C LEU B 15 -13.60 0.64 20.67
N LEU B 16 -14.08 -0.59 20.87
CA LEU B 16 -13.32 -1.78 20.49
C LEU B 16 -13.48 -2.11 19.01
N CYS B 17 -12.34 -2.18 18.31
CA CYS B 17 -12.30 -2.67 16.93
C CYS B 17 -11.75 -4.09 16.96
N VAL B 18 -12.46 -5.02 16.33
CA VAL B 18 -12.08 -6.44 16.37
C VAL B 18 -11.38 -6.79 15.07
N GLY B 19 -10.12 -7.19 15.17
CA GLY B 19 -9.34 -7.56 13.99
C GLY B 19 -9.82 -8.90 13.45
N LEU B 20 -9.95 -8.99 12.14
CA LEU B 20 -10.28 -10.26 11.52
C LEU B 20 -9.08 -10.73 10.72
N ASP B 21 -8.24 -11.50 11.40
CA ASP B 21 -6.94 -11.93 10.87
C ASP B 21 -6.87 -13.46 10.95
N PRO B 22 -7.58 -14.14 10.03
CA PRO B 22 -7.78 -15.59 10.19
C PRO B 22 -6.49 -16.39 10.16
N ARG B 23 -6.39 -17.36 11.07
CA ARG B 23 -5.23 -18.25 11.14
C ARG B 23 -5.45 -19.54 10.33
N ALA B 24 -6.65 -19.68 9.76
CA ALA B 24 -7.05 -20.90 9.03
C ALA B 24 -6.22 -21.15 7.78
N LYS B 25 -6.15 -22.42 7.38
CA LYS B 25 -5.31 -22.85 6.25
C LYS B 25 -6.01 -22.78 4.89
N THR B 26 -7.33 -22.70 4.88
CA THR B 26 -8.12 -22.58 3.65
C THR B 26 -9.10 -21.40 3.72
N ALA B 27 -9.52 -20.90 2.55
CA ALA B 27 -10.48 -19.80 2.48
C ALA B 27 -11.82 -20.14 3.16
N ALA B 28 -12.30 -21.37 2.96
CA ALA B 28 -13.55 -21.82 3.57
C ALA B 28 -13.46 -21.81 5.09
N ALA B 29 -12.36 -22.33 5.63
CA ALA B 29 -12.15 -22.37 7.09
C ALA B 29 -11.96 -20.97 7.65
N ALA B 30 -11.35 -20.09 6.85
CA ALA B 30 -11.17 -18.69 7.23
C ALA B 30 -12.51 -17.97 7.39
N VAL B 31 -13.43 -18.22 6.48
CA VAL B 31 -14.79 -17.66 6.55
C VAL B 31 -15.46 -18.09 7.87
N GLU B 32 -15.47 -19.39 8.13
CA GLU B 32 -16.07 -19.92 9.36
C GLU B 32 -15.43 -19.33 10.62
N GLU B 33 -14.09 -19.27 10.62
CA GLU B 33 -13.34 -18.70 11.73
C GLU B 33 -13.73 -17.25 12.01
N CYS B 34 -13.81 -16.45 10.96
CA CYS B 34 -14.18 -15.04 11.09
C CYS B 34 -15.64 -14.88 11.50
N LYS B 35 -16.52 -15.68 10.91
CA LYS B 35 -17.94 -15.63 11.26
C LYS B 35 -18.17 -15.93 12.74
N ARG B 36 -17.44 -16.90 13.27
CA ARG B 36 -17.56 -17.26 14.68
C ARG B 36 -17.09 -16.12 15.58
N LEU B 37 -15.96 -15.50 15.23
CA LEU B 37 -15.43 -14.40 16.02
C LEU B 37 -16.40 -13.21 16.01
N ILE B 38 -17.02 -12.95 14.85
CA ILE B 38 -18.05 -11.91 14.76
C ILE B 38 -19.22 -12.24 15.69
N GLU B 39 -19.70 -13.49 15.64
CA GLU B 39 -20.84 -13.90 16.48
C GLU B 39 -20.56 -13.67 17.96
N GLN B 40 -19.33 -13.96 18.37
CA GLN B 40 -18.94 -13.90 19.77
C GLN B 40 -18.71 -12.49 20.28
N THR B 41 -18.36 -11.57 19.38
CA THR B 41 -17.87 -10.26 19.80
C THR B 41 -18.72 -9.05 19.41
N HIS B 42 -19.67 -9.23 18.49
CA HIS B 42 -20.40 -8.09 17.92
C HIS B 42 -21.11 -7.18 18.91
N GLU B 43 -21.60 -7.74 20.01
CA GLU B 43 -22.31 -6.94 21.03
C GLU B 43 -21.38 -5.89 21.66
N TYR B 44 -20.07 -6.14 21.57
CA TYR B 44 -19.07 -5.28 22.20
C TYR B 44 -18.12 -4.60 21.21
N ALA B 45 -18.47 -4.68 19.92
CA ALA B 45 -17.62 -4.19 18.84
C ALA B 45 -18.12 -2.85 18.30
N ALA B 46 -17.19 -1.92 18.13
CA ALA B 46 -17.47 -0.67 17.42
C ALA B 46 -17.21 -0.83 15.92
N ALA B 47 -16.34 -1.77 15.57
CA ALA B 47 -15.93 -1.99 14.19
C ALA B 47 -15.25 -3.34 14.03
N TYR B 48 -15.16 -3.80 12.78
CA TYR B 48 -14.35 -4.96 12.43
C TYR B 48 -13.30 -4.56 11.42
N LYS B 49 -12.12 -5.18 11.52
CA LYS B 49 -11.01 -4.84 10.65
C LYS B 49 -10.43 -6.08 9.97
N PRO B 50 -10.99 -6.48 8.81
CA PRO B 50 -10.43 -7.60 8.09
C PRO B 50 -9.06 -7.27 7.48
N ASN B 51 -8.18 -8.27 7.54
CA ASN B 51 -6.80 -8.18 7.07
C ASN B 51 -6.74 -8.44 5.57
N ALA B 52 -6.50 -7.41 4.75
CA ALA B 52 -6.56 -7.57 3.28
C ALA B 52 -5.56 -8.61 2.78
N ALA B 53 -4.39 -8.63 3.42
CA ALA B 53 -3.31 -9.54 3.00
C ALA B 53 -3.65 -10.99 3.30
N PHE B 54 -4.23 -11.27 4.46
CA PHE B 54 -4.57 -12.64 4.84
C PHE B 54 -5.59 -13.24 3.87
N PHE B 55 -6.51 -12.42 3.39
CA PHE B 55 -7.50 -12.88 2.41
C PHE B 55 -6.93 -13.03 1.00
N GLU B 56 -6.07 -12.08 0.61
CA GLU B 56 -5.36 -12.17 -0.68
C GLU B 56 -4.56 -13.46 -0.77
N PHE B 57 -3.96 -13.83 0.36
CA PHE B 57 -3.12 -15.04 0.49
C PHE B 57 -3.82 -16.29 -0.05
N PHE B 58 -5.13 -16.39 0.12
CA PHE B 58 -5.89 -17.57 -0.35
C PHE B 58 -6.12 -17.60 -1.86
N GLY B 59 -5.66 -16.57 -2.55
CA GLY B 59 -5.78 -16.49 -4.01
C GLY B 59 -7.20 -16.24 -4.49
N ALA B 60 -7.58 -16.96 -5.53
CA ALA B 60 -8.90 -16.86 -6.16
C ALA B 60 -10.04 -16.80 -5.15
N GLU B 61 -10.12 -17.83 -4.30
CA GLU B 61 -11.20 -17.96 -3.32
C GLU B 61 -11.10 -16.94 -2.20
N GLY B 62 -9.93 -16.31 -2.07
CA GLY B 62 -9.68 -15.31 -1.02
C GLY B 62 -10.56 -14.07 -1.09
N TRP B 63 -10.73 -13.55 -2.30
N TRP B 63 -10.78 -13.57 -2.30
CA TRP B 63 -11.62 -12.42 -2.53
CA TRP B 63 -11.62 -12.38 -2.48
C TRP B 63 -13.04 -12.74 -2.09
C TRP B 63 -13.12 -12.65 -2.28
N ALA B 64 -13.56 -13.88 -2.55
CA ALA B 64 -14.93 -14.30 -2.28
C ALA B 64 -15.12 -14.46 -0.77
N ALA B 65 -14.11 -15.03 -0.14
CA ALA B 65 -14.08 -15.21 1.31
C ALA B 65 -14.19 -13.87 2.02
N LEU B 66 -13.38 -12.90 1.59
CA LEU B 66 -13.43 -11.56 2.18
C LEU B 66 -14.81 -10.93 2.03
N SER B 67 -15.41 -11.06 0.85
CA SER B 67 -16.74 -10.52 0.61
C SER B 67 -17.77 -11.17 1.53
N GLU B 68 -17.70 -12.49 1.67
CA GLU B 68 -18.59 -13.25 2.54
C GLU B 68 -18.47 -12.83 4.01
N VAL B 69 -17.22 -12.66 4.46
CA VAL B 69 -16.96 -12.25 5.83
C VAL B 69 -17.52 -10.86 6.12
N ILE B 70 -17.31 -9.93 5.19
CA ILE B 70 -17.86 -8.57 5.33
C ILE B 70 -19.39 -8.60 5.39
N ARG B 71 -20.01 -9.44 4.56
CA ARG B 71 -21.46 -9.62 4.58
C ARG B 71 -21.97 -10.13 5.93
N ALA B 72 -21.15 -10.93 6.61
CA ALA B 72 -21.51 -11.54 7.90
C ALA B 72 -21.48 -10.56 9.07
N VAL B 73 -20.90 -9.37 8.87
CA VAL B 73 -20.87 -8.35 9.91
C VAL B 73 -22.28 -7.74 10.05
N PRO B 74 -22.87 -7.80 11.27
CA PRO B 74 -24.22 -7.27 11.47
C PRO B 74 -24.37 -5.85 10.96
N ALA B 75 -25.56 -5.54 10.43
CA ALA B 75 -25.88 -4.19 10.00
C ALA B 75 -25.72 -3.24 11.16
N GLY B 76 -25.14 -2.08 10.88
CA GLY B 76 -24.89 -1.08 11.90
C GLY B 76 -23.44 -1.06 12.38
N ILE B 77 -22.70 -2.14 12.14
CA ILE B 77 -21.30 -2.20 12.55
C ILE B 77 -20.39 -1.98 11.35
N PRO B 78 -19.59 -0.89 11.36
CA PRO B 78 -18.77 -0.58 10.20
C PRO B 78 -17.54 -1.48 10.06
N VAL B 79 -17.08 -1.63 8.83
CA VAL B 79 -15.95 -2.49 8.51
C VAL B 79 -14.82 -1.63 7.95
N VAL B 80 -13.64 -1.74 8.56
CA VAL B 80 -12.45 -1.05 8.05
C VAL B 80 -11.58 -2.08 7.33
N LEU B 81 -11.44 -1.94 6.02
CA LEU B 81 -10.56 -2.82 5.27
C LEU B 81 -9.14 -2.32 5.46
N ASP B 82 -8.34 -3.11 6.16
CA ASP B 82 -6.96 -2.73 6.44
C ASP B 82 -6.11 -3.18 5.26
N ALA B 83 -6.12 -2.34 4.23
CA ALA B 83 -5.49 -2.64 2.95
C ALA B 83 -4.28 -1.76 2.70
N LYS B 84 -4.11 -0.71 3.51
CA LYS B 84 -2.98 0.24 3.43
C LYS B 84 -2.60 0.54 1.96
N ARG B 85 -3.56 1.07 1.21
CA ARG B 85 -3.37 1.28 -0.21
C ARG B 85 -2.80 2.67 -0.47
N GLY B 86 -2.14 2.83 -1.61
CA GLY B 86 -1.69 4.16 -2.00
C GLY B 86 -1.18 4.12 -3.42
N ASP B 87 -1.89 4.82 -4.31
CA ASP B 87 -1.49 4.91 -5.71
C ASP B 87 -2.16 6.14 -6.27
N ILE B 88 -2.17 6.30 -7.58
CA ILE B 88 -2.80 7.50 -8.14
C ILE B 88 -3.80 7.22 -9.24
N ALA B 89 -4.59 8.25 -9.56
CA ALA B 89 -5.48 8.26 -10.72
C ALA B 89 -6.35 7.01 -10.85
N ASP B 90 -6.36 6.40 -12.03
CA ASP B 90 -7.21 5.24 -12.30
C ASP B 90 -6.91 4.05 -11.40
N THR B 91 -5.64 3.91 -11.02
CA THR B 91 -5.22 2.80 -10.18
C THR B 91 -5.82 2.95 -8.78
N ALA B 92 -5.68 4.15 -8.22
CA ALA B 92 -6.26 4.46 -6.91
C ALA B 92 -7.79 4.36 -6.98
N ASP B 93 -8.38 4.83 -8.08
CA ASP B 93 -9.82 4.68 -8.30
C ASP B 93 -10.27 3.23 -8.24
N ALA B 94 -9.47 2.34 -8.83
CA ALA B 94 -9.79 0.92 -8.87
C ALA B 94 -9.72 0.30 -7.47
N TYR B 95 -8.71 0.69 -6.69
CA TYR B 95 -8.63 0.23 -5.30
C TYR B 95 -9.85 0.69 -4.49
N ALA B 96 -10.26 1.94 -4.70
CA ALA B 96 -11.40 2.50 -3.97
C ALA B 96 -12.71 1.81 -4.36
N THR B 97 -12.94 1.62 -5.66
CA THR B 97 -14.13 0.90 -6.12
C THR B 97 -14.17 -0.53 -5.55
N SER B 98 -13.03 -1.21 -5.57
CA SER B 98 -12.96 -2.57 -5.02
C SER B 98 -13.34 -2.58 -3.54
N ALA B 99 -12.71 -1.71 -2.76
CA ALA B 99 -12.94 -1.68 -1.32
C ALA B 99 -14.36 -1.26 -0.96
N PHE B 100 -14.83 -0.19 -1.61
CA PHE B 100 -16.06 0.48 -1.17
C PHE B 100 -17.34 0.01 -1.86
N LYS B 101 -17.23 -0.38 -3.12
CA LYS B 101 -18.39 -0.77 -3.92
C LYS B 101 -18.49 -2.28 -4.07
N HIS B 102 -17.38 -2.92 -4.44
CA HIS B 102 -17.38 -4.37 -4.68
C HIS B 102 -17.42 -5.17 -3.37
N LEU B 103 -16.50 -4.85 -2.45
CA LEU B 103 -16.42 -5.52 -1.15
C LEU B 103 -17.37 -4.92 -0.12
N ASN B 104 -17.81 -3.70 -0.38
CA ASN B 104 -18.73 -2.96 0.49
C ASN B 104 -18.22 -2.73 1.92
N ALA B 105 -16.91 -2.53 2.04
CA ALA B 105 -16.34 -2.05 3.29
C ALA B 105 -16.73 -0.59 3.50
N HIS B 106 -16.72 -0.14 4.74
CA HIS B 106 -17.09 1.24 5.05
C HIS B 106 -15.91 2.20 5.17
N ALA B 107 -14.69 1.64 5.25
CA ALA B 107 -13.49 2.43 5.44
C ALA B 107 -12.29 1.66 4.92
N ILE B 108 -11.20 2.39 4.69
CA ILE B 108 -9.93 1.80 4.26
C ILE B 108 -8.77 2.50 4.95
N THR B 109 -7.66 1.78 5.11
CA THR B 109 -6.42 2.44 5.52
C THR B 109 -5.59 2.75 4.29
N ALA B 110 -4.79 3.81 4.37
CA ALA B 110 -4.05 4.31 3.22
C ALA B 110 -2.72 4.94 3.63
N SER B 111 -1.72 4.78 2.78
CA SER B 111 -0.42 5.42 2.96
C SER B 111 -0.46 6.88 2.52
N PRO B 112 0.19 7.78 3.28
CA PRO B 112 0.25 9.18 2.93
C PRO B 112 1.38 9.53 1.97
N TYR B 113 2.24 8.55 1.63
CA TYR B 113 3.51 8.88 0.99
C TYR B 113 3.42 9.61 -0.37
N MET B 114 2.39 9.31 -1.15
CA MET B 114 2.21 9.95 -2.44
C MET B 114 1.37 11.21 -2.39
N GLY B 115 0.92 11.59 -1.19
CA GLY B 115 0.27 12.88 -0.97
C GLY B 115 -1.20 12.99 -1.35
N SER B 116 -1.67 14.24 -1.46
CA SER B 116 -3.10 14.56 -1.57
C SER B 116 -3.86 13.85 -2.70
N ASP B 117 -3.35 13.91 -3.92
CA ASP B 117 -4.08 13.32 -5.05
C ASP B 117 -3.96 11.79 -5.12
N SER B 118 -3.09 11.20 -4.29
CA SER B 118 -3.13 9.76 -4.10
C SER B 118 -4.23 9.38 -3.12
N LEU B 119 -4.61 10.32 -2.25
CA LEU B 119 -5.60 10.06 -1.22
C LEU B 119 -7.01 10.44 -1.65
N GLN B 120 -7.09 11.43 -2.54
CA GLN B 120 -8.38 11.93 -3.04
C GLN B 120 -9.30 10.84 -3.62
N PRO B 121 -8.76 9.88 -4.41
CA PRO B 121 -9.64 8.84 -4.96
C PRO B 121 -10.36 7.99 -3.92
N PHE B 122 -9.79 7.89 -2.72
CA PHE B 122 -10.45 7.22 -1.61
C PHE B 122 -11.37 8.20 -0.87
N MET B 123 -10.86 9.40 -0.63
CA MET B 123 -11.56 10.37 0.21
C MET B 123 -12.78 10.99 -0.46
N ARG B 124 -12.85 10.87 -1.79
CA ARG B 124 -13.99 11.43 -2.54
C ARG B 124 -15.33 10.75 -2.27
N TYR B 125 -15.30 9.59 -1.60
CA TYR B 125 -16.49 8.89 -1.15
C TYR B 125 -16.90 9.46 0.21
N PRO B 126 -17.91 10.36 0.25
CA PRO B 126 -18.23 11.04 1.51
C PRO B 126 -18.80 10.13 2.59
N ASP B 127 -19.35 8.98 2.19
CA ASP B 127 -19.92 8.06 3.17
CA ASP B 127 -19.95 8.00 3.10
C ASP B 127 -18.94 6.97 3.63
N LYS B 128 -17.72 7.04 3.12
CA LYS B 128 -16.66 6.11 3.52
C LYS B 128 -15.62 6.87 4.32
N ALA B 129 -14.76 6.14 5.04
CA ALA B 129 -13.70 6.80 5.79
C ALA B 129 -12.34 6.34 5.28
N VAL B 130 -11.36 7.22 5.41
CA VAL B 130 -9.98 6.87 5.05
C VAL B 130 -9.09 7.14 6.26
N PHE B 131 -8.53 6.07 6.83
CA PHE B 131 -7.57 6.18 7.91
C PHE B 131 -6.16 6.21 7.35
N VAL B 132 -5.51 7.38 7.44
CA VAL B 132 -4.19 7.57 6.85
C VAL B 132 -3.10 7.22 7.86
N LEU B 133 -2.14 6.41 7.43
CA LEU B 133 -0.99 6.07 8.28
C LEU B 133 -0.32 7.32 8.79
N CYS B 134 -0.08 7.35 10.10
CA CYS B 134 0.53 8.51 10.74
C CYS B 134 1.73 8.10 11.59
N LYS B 135 1.46 7.44 12.71
CA LYS B 135 2.52 6.91 13.56
C LYS B 135 2.24 5.44 13.83
N THR B 136 3.16 4.57 13.43
CA THR B 136 2.95 3.14 13.59
C THR B 136 3.94 2.54 14.59
N ASN B 138 5.68 -0.38 15.16
CA ASN B 138 6.85 -1.11 14.69
C ASN B 138 8.14 -0.28 14.77
N LYS B 139 9.29 -0.96 14.72
CA LYS B 139 10.60 -0.32 14.91
C LYS B 139 11.03 0.57 13.74
N GLY B 140 10.52 0.28 12.55
CA GLY B 140 10.83 1.06 11.35
C GLY B 140 10.22 2.46 11.35
N SER B 141 9.33 2.70 12.31
CA SER B 141 8.74 4.03 12.54
C SER B 141 9.78 5.16 12.49
N ASN B 142 10.93 4.92 13.13
CA ASN B 142 12.00 5.91 13.20
C ASN B 142 12.48 6.37 11.83
N ASP B 143 12.67 5.42 10.92
CA ASP B 143 13.23 5.68 9.59
C ASP B 143 12.71 6.95 8.93
N LEU B 144 11.40 7.05 8.82
CA LEU B 144 10.78 8.18 8.15
C LEU B 144 9.95 9.00 9.13
N GLN B 145 9.11 8.33 9.90
CA GLN B 145 8.10 9.01 10.72
C GLN B 145 8.67 9.99 11.74
N CYS B 146 9.85 9.67 12.28
CA CYS B 146 10.47 10.51 13.30
C CYS B 146 11.56 11.44 12.79
N LEU B 147 11.70 11.52 11.47
CA LEU B 147 12.53 12.55 10.84
C LEU B 147 11.96 13.93 11.14
N ARG B 148 12.86 14.89 11.35
CA ARG B 148 12.46 16.26 11.66
C ARG B 148 12.27 17.05 10.38
N VAL B 149 11.06 17.58 10.20
CA VAL B 149 10.74 18.46 9.08
C VAL B 149 10.47 19.86 9.64
N GLY B 150 11.55 20.62 9.83
CA GLY B 150 11.45 21.91 10.51
C GLY B 150 11.35 21.70 12.01
N ASP B 151 10.30 22.27 12.60
CA ASP B 151 10.09 22.19 14.05
C ASP B 151 9.09 21.09 14.44
N ARG B 152 8.88 20.11 13.56
CA ARG B 152 8.04 18.97 13.89
C ARG B 152 8.53 17.66 13.26
N TYR B 153 8.00 16.54 13.76
CA TYR B 153 8.28 15.24 13.18
C TYR B 153 7.45 15.04 11.92
N LEU B 154 7.92 14.18 11.03
CA LEU B 154 7.15 13.86 9.82
C LEU B 154 5.73 13.43 10.14
N TYR B 155 5.55 12.59 11.18
CA TYR B 155 4.22 12.12 11.51
C TYR B 155 3.30 13.27 11.92
N GLU B 156 3.87 14.31 12.56
CA GLU B 156 3.09 15.51 12.88
C GLU B 156 2.68 16.27 11.63
N ALA B 157 3.56 16.31 10.63
CA ALA B 157 3.22 16.95 9.35
C ALA B 157 2.05 16.23 8.65
N VAL B 158 2.02 14.91 8.74
CA VAL B 158 0.90 14.13 8.21
C VAL B 158 -0.38 14.51 8.95
N ALA B 159 -0.31 14.57 10.28
CA ALA B 159 -1.46 14.93 11.12
C ALA B 159 -2.03 16.31 10.75
N GLU B 160 -1.15 17.27 10.47
CA GLU B 160 -1.56 18.64 10.13
C GLU B 160 -2.26 18.74 8.79
N ARG B 161 -1.93 17.83 7.87
CA ARG B 161 -2.64 17.75 6.59
C ARG B 161 -4.01 17.11 6.74
N ALA B 162 -4.08 16.06 7.58
CA ALA B 162 -5.33 15.33 7.82
C ALA B 162 -6.37 16.18 8.53
N GLU B 163 -5.98 16.78 9.64
CA GLU B 163 -6.81 17.78 10.33
C GLU B 163 -6.46 19.10 9.66
N GLY B 164 -7.00 19.26 8.46
CA GLY B 164 -6.57 20.30 7.58
C GLY B 164 -7.09 20.02 6.18
N PRO B 165 -6.29 20.37 5.15
CA PRO B 165 -6.79 20.38 3.78
C PRO B 165 -7.28 19.04 3.25
N TRP B 166 -6.80 17.92 3.77
CA TRP B 166 -7.27 16.60 3.28
C TRP B 166 -8.72 16.33 3.64
N ASN B 167 -9.23 16.95 4.69
CA ASN B 167 -10.52 16.58 5.26
C ASN B 167 -11.74 17.24 4.61
N VAL B 168 -11.72 17.32 3.28
CA VAL B 168 -12.82 17.93 2.52
C VAL B 168 -14.20 17.34 2.86
N ASN B 169 -14.28 16.01 2.93
CA ASN B 169 -15.54 15.33 3.22
C ASN B 169 -15.75 14.93 4.67
N GLY B 170 -14.90 15.44 5.56
CA GLY B 170 -15.00 15.19 6.99
C GLY B 170 -14.89 13.72 7.31
N ASN B 171 -14.16 13.00 6.45
CA ASN B 171 -14.10 11.55 6.51
C ASN B 171 -12.68 11.01 6.68
N VAL B 172 -11.76 11.88 7.09
CA VAL B 172 -10.36 11.48 7.29
C VAL B 172 -10.07 11.13 8.73
N GLY B 173 -9.41 10.00 8.92
CA GLY B 173 -8.89 9.59 10.22
C GLY B 173 -7.40 9.28 10.13
N LEU B 174 -6.79 8.95 11.26
CA LEU B 174 -5.36 8.63 11.28
C LEU B 174 -5.11 7.29 11.95
N VAL B 175 -4.09 6.58 11.48
CA VAL B 175 -3.60 5.40 12.16
C VAL B 175 -2.46 5.82 13.09
N VAL B 176 -2.66 5.61 14.40
CA VAL B 176 -1.71 6.07 15.40
C VAL B 176 -1.56 4.95 16.44
N GLY B 177 -0.36 4.41 16.55
CA GLY B 177 -0.11 3.21 17.39
C GLY B 177 -0.27 3.41 18.88
N ALA B 178 -0.59 2.30 19.57
CA ALA B 178 -0.83 2.31 21.02
C ALA B 178 0.46 2.22 21.85
N THR B 179 1.55 1.81 21.22
CA THR B 179 2.78 1.50 21.98
C THR B 179 3.67 2.73 22.22
N ASP B 180 3.22 3.90 21.78
CA ASP B 180 3.99 5.14 21.92
C ASP B 180 3.09 6.30 22.38
N PRO B 181 2.77 6.35 23.69
CA PRO B 181 1.82 7.36 24.21
C PRO B 181 2.24 8.82 24.07
N VAL B 182 3.54 9.10 24.13
CA VAL B 182 4.03 10.47 23.90
C VAL B 182 3.74 10.91 22.46
N ALA B 183 4.00 10.03 21.49
CA ALA B 183 3.71 10.34 20.09
C ALA B 183 2.19 10.47 19.88
N LEU B 184 1.44 9.58 20.51
CA LEU B 184 -0.02 9.60 20.44
C LEU B 184 -0.57 10.96 20.90
N ALA B 185 -0.06 11.44 22.03
CA ALA B 185 -0.45 12.74 22.56
C ALA B 185 -0.07 13.89 21.62
N ARG B 186 1.12 13.78 21.00
CA ARG B 186 1.56 14.79 20.03
C ARG B 186 0.62 14.85 18.84
N VAL B 187 0.19 13.69 18.34
CA VAL B 187 -0.72 13.66 17.20
C VAL B 187 -2.07 14.25 17.58
N ARG B 188 -2.55 13.92 18.79
CA ARG B 188 -3.83 14.43 19.26
C ARG B 188 -3.80 15.97 19.41
N ALA B 189 -2.64 16.51 19.78
CA ALA B 189 -2.46 17.96 19.89
C ALA B 189 -2.57 18.66 18.52
N ARG B 190 -2.02 18.02 17.48
CA ARG B 190 -2.10 18.56 16.11
C ARG B 190 -3.49 18.35 15.50
N ALA B 191 -4.11 17.23 15.84
CA ALA B 191 -5.38 16.81 15.26
C ALA B 191 -6.40 16.49 16.36
N PRO B 192 -6.97 17.53 16.99
CA PRO B 192 -7.83 17.26 18.17
C PRO B 192 -9.22 16.67 17.90
N THR B 193 -9.67 16.67 16.64
CA THR B 193 -11.02 16.16 16.33
C THR B 193 -11.10 14.85 15.56
N LEU B 194 -9.98 14.41 14.97
CA LEU B 194 -10.04 13.23 14.12
C LEU B 194 -10.13 11.94 14.92
N TRP B 195 -10.83 10.96 14.36
CA TRP B 195 -10.77 9.59 14.87
C TRP B 195 -9.40 8.98 14.59
N PHE B 196 -8.86 8.29 15.58
CA PHE B 196 -7.63 7.50 15.40
C PHE B 196 -7.98 6.04 15.41
N LEU B 197 -7.44 5.29 14.45
CA LEU B 197 -7.43 3.85 14.51
C LEU B 197 -6.12 3.46 15.20
N VAL B 198 -6.25 2.76 16.32
CA VAL B 198 -5.13 2.56 17.24
C VAL B 198 -4.84 1.06 17.37
N PRO B 199 -3.86 0.56 16.59
CA PRO B 199 -3.47 -0.84 16.74
C PRO B 199 -2.39 -1.02 17.80
N GLY B 200 -2.18 -2.26 18.21
CA GLY B 200 -0.99 -2.61 18.99
C GLY B 200 -1.09 -2.64 20.51
N ILE B 201 -2.31 -2.49 21.05
CA ILE B 201 -2.53 -2.62 22.50
C ILE B 201 -1.99 -3.95 23.03
N GLY B 202 -2.17 -5.01 22.24
CA GLY B 202 -1.70 -6.36 22.61
C GLY B 202 -0.24 -6.64 22.27
N ALA B 203 0.51 -5.59 21.95
CA ALA B 203 1.94 -5.73 21.65
C ALA B 203 2.82 -5.19 22.79
N SER B 207 -0.22 -0.41 26.85
CA SER B 207 -0.95 0.04 28.03
C SER B 207 -2.25 0.70 27.62
N LEU B 208 -3.35 0.25 28.22
CA LEU B 208 -4.68 0.75 27.86
C LEU B 208 -4.93 2.15 28.39
N LYS B 209 -4.69 2.37 29.68
CA LYS B 209 -4.93 3.67 30.30
C LYS B 209 -4.04 4.77 29.71
N ALA B 210 -2.76 4.46 29.50
CA ALA B 210 -1.81 5.43 28.94
C ALA B 210 -2.24 5.89 27.56
N SER B 211 -2.66 4.93 26.73
CA SER B 211 -3.10 5.20 25.37
C SER B 211 -4.36 6.07 25.34
N LEU B 212 -5.33 5.75 26.18
CA LEU B 212 -6.59 6.50 26.24
C LEU B 212 -6.40 7.91 26.80
N ASP B 213 -5.58 8.03 27.84
CA ASP B 213 -5.26 9.35 28.40
C ASP B 213 -4.58 10.25 27.36
N ALA B 214 -3.74 9.65 26.53
CA ALA B 214 -3.00 10.38 25.50
C ALA B 214 -3.87 10.69 24.28
N GLY B 215 -4.71 9.74 23.91
CA GLY B 215 -5.38 9.77 22.60
C GLY B 215 -6.85 10.12 22.53
N LEU B 216 -7.59 10.02 23.64
CA LEU B 216 -9.00 10.37 23.60
C LEU B 216 -9.19 11.85 23.36
N ARG B 217 -10.26 12.19 22.65
CA ARG B 217 -10.66 13.59 22.44
C ARG B 217 -11.35 14.12 23.68
N ALA B 218 -11.62 15.42 23.67
CA ALA B 218 -12.37 16.09 24.74
C ALA B 218 -13.72 15.47 25.03
N ASP B 219 -14.36 14.87 24.03
CA ASP B 219 -15.67 14.26 24.20
C ASP B 219 -15.62 12.85 24.79
N GLY B 220 -14.41 12.35 25.04
CA GLY B 220 -14.20 11.01 25.59
C GLY B 220 -14.32 9.92 24.53
N SER B 221 -14.23 10.32 23.26
CA SER B 221 -14.30 9.40 22.15
C SER B 221 -13.12 9.64 21.19
N GLY B 222 -13.21 9.08 19.98
CA GLY B 222 -12.22 9.37 18.93
C GLY B 222 -11.02 8.45 18.85
N MET B 223 -11.07 7.34 19.59
CA MET B 223 -10.05 6.29 19.47
C MET B 223 -10.77 4.99 19.17
N LEU B 224 -10.36 4.32 18.11
CA LEU B 224 -10.87 3.01 17.77
C LEU B 224 -9.75 2.05 18.09
N ILE B 225 -9.90 1.31 19.19
CA ILE B 225 -8.82 0.46 19.73
C ILE B 225 -8.89 -0.93 19.12
N ASN B 226 -7.93 -1.26 18.26
CA ASN B 226 -7.94 -2.56 17.59
C ASN B 226 -7.28 -3.65 18.43
N VAL B 227 -7.95 -4.80 18.50
CA VAL B 227 -7.38 -5.98 19.14
C VAL B 227 -7.59 -7.17 18.21
N SER B 228 -6.53 -7.94 17.99
CA SER B 228 -6.62 -9.12 17.14
C SER B 228 -6.40 -10.42 17.93
N ARG B 229 -5.14 -10.70 18.25
CA ARG B 229 -4.75 -11.95 18.93
C ARG B 229 -5.41 -12.11 20.30
N GLY B 230 -5.46 -11.02 21.06
CA GLY B 230 -6.08 -11.02 22.39
C GLY B 230 -7.53 -11.48 22.41
N LEU B 231 -8.20 -11.39 21.25
CA LEU B 231 -9.59 -11.83 21.11
C LEU B 231 -9.71 -13.15 20.36
N ALA B 232 -9.07 -13.23 19.19
CA ALA B 232 -9.15 -14.39 18.33
C ALA B 232 -8.68 -15.66 19.04
N ARG B 233 -7.63 -15.52 19.84
CA ARG B 233 -6.98 -16.65 20.51
C ARG B 233 -7.39 -16.80 21.98
N ALA B 234 -8.38 -16.01 22.41
CA ALA B 234 -8.87 -16.06 23.79
C ALA B 234 -9.61 -17.36 24.09
N ALA B 235 -9.49 -17.84 25.32
CA ALA B 235 -10.26 -19.00 25.79
C ALA B 235 -11.76 -18.74 25.72
N ASP B 236 -12.16 -17.47 25.83
CA ASP B 236 -13.56 -17.06 25.74
C ASP B 236 -13.58 -15.70 25.07
N PRO B 237 -13.65 -15.68 23.72
CA PRO B 237 -13.61 -14.41 23.00
C PRO B 237 -14.71 -13.42 23.37
N ARG B 238 -15.92 -13.93 23.66
N ARG B 238 -15.92 -13.93 23.65
CA ARG B 238 -17.02 -13.07 24.09
CA ARG B 238 -17.02 -13.09 24.10
C ARG B 238 -16.68 -12.35 25.40
C ARG B 238 -16.67 -12.37 25.39
N ALA B 239 -16.20 -13.12 26.38
CA ALA B 239 -15.82 -12.55 27.68
C ALA B 239 -14.64 -11.61 27.56
N ALA B 240 -13.69 -11.94 26.69
CA ALA B 240 -12.53 -11.08 26.45
C ALA B 240 -12.97 -9.74 25.87
N ALA B 241 -13.87 -9.78 24.87
CA ALA B 241 -14.35 -8.55 24.25
C ALA B 241 -15.18 -7.71 25.23
N LYS B 242 -16.05 -8.38 25.98
CA LYS B 242 -16.85 -7.71 27.00
C LYS B 242 -15.96 -7.01 28.03
N GLU B 243 -14.94 -7.72 28.51
CA GLU B 243 -14.03 -7.16 29.51
C GLU B 243 -13.23 -5.98 28.97
N LEU B 244 -12.73 -6.11 27.74
CA LEU B 244 -11.99 -5.02 27.10
C LEU B 244 -12.87 -3.80 26.88
N CYS B 245 -14.08 -4.03 26.36
CA CYS B 245 -15.05 -2.97 26.12
C CYS B 245 -15.36 -2.21 27.41
N GLU B 246 -15.58 -2.98 28.48
CA GLU B 246 -15.91 -2.39 29.79
C GLU B 246 -14.72 -1.66 30.40
N GLU B 247 -13.53 -2.21 30.25
CA GLU B 247 -12.31 -1.56 30.75
C GLU B 247 -12.11 -0.20 30.10
N ILE B 248 -12.29 -0.14 28.78
CA ILE B 248 -12.16 1.12 28.03
C ILE B 248 -13.19 2.15 28.51
N ASN B 249 -14.46 1.72 28.59
CA ASN B 249 -15.52 2.61 29.04
C ASN B 249 -15.34 3.13 30.45
N ALA B 250 -14.82 2.28 31.34
CA ALA B 250 -14.57 2.70 32.73
C ALA B 250 -13.57 3.86 32.76
N ILE B 251 -12.56 3.77 31.90
CA ILE B 251 -11.57 4.84 31.77
C ILE B 251 -12.21 6.10 31.17
N ARG B 252 -13.03 5.93 30.14
CA ARG B 252 -13.77 7.06 29.53
C ARG B 252 -14.66 7.77 30.55
N PHE B 253 -15.37 6.99 31.37
CA PHE B 253 -16.30 7.52 32.37
C PHE B 253 -15.60 8.33 33.47
N ALA B 254 -14.41 7.88 33.86
CA ALA B 254 -13.68 8.50 34.96
C ALA B 254 -13.03 9.82 34.55
S SO4 C . 0.49 -7.51 -34.41
O1 SO4 C . 1.59 -6.57 -34.19
O2 SO4 C . 0.70 -8.22 -35.67
O3 SO4 C . 0.45 -8.49 -33.32
O4 SO4 C . -0.77 -6.78 -34.45
S SO4 D . 2.21 4.05 -13.62
O1 SO4 D . 1.75 4.61 -12.35
O2 SO4 D . 3.36 3.19 -13.38
O3 SO4 D . 1.12 3.27 -14.22
O4 SO4 D . 2.58 5.13 -14.52
S SO4 E . 1.95 6.31 -19.64
O1 SO4 E . 2.05 7.65 -19.06
O2 SO4 E . 3.11 5.52 -19.18
O3 SO4 E . 0.72 5.67 -19.19
O4 SO4 E . 1.97 6.39 -21.09
S SO4 F . 18.92 10.49 8.98
O1 SO4 F . 18.93 10.72 10.42
O2 SO4 F . 20.07 9.65 8.60
O3 SO4 F . 17.69 9.79 8.62
O4 SO4 F . 18.97 11.77 8.27
S SO4 G . -16.80 12.74 14.44
O1 SO4 G . -16.90 11.96 15.67
O2 SO4 G . -17.30 11.96 13.31
O3 SO4 G . -17.62 13.95 14.59
O4 SO4 G . -15.42 13.13 14.20
S SO4 H . -25.56 -5.46 18.39
O1 SO4 H . -25.71 -5.61 19.84
O2 SO4 H . -26.33 -6.52 17.73
O3 SO4 H . -26.06 -4.15 17.98
O4 SO4 H . -24.16 -5.61 18.02
S SO4 I . -2.56 -4.63 13.24
O1 SO4 I . -1.92 -4.35 14.53
O2 SO4 I . -3.07 -6.00 13.25
O3 SO4 I . -3.68 -3.71 13.05
O4 SO4 I . -1.60 -4.48 12.17
S SO4 J . 4.46 22.07 5.06
O1 SO4 J . 4.02 20.78 5.58
O2 SO4 J . 4.85 21.92 3.65
O3 SO4 J . 3.37 23.03 5.15
O4 SO4 J . 5.61 22.54 5.84
S SO4 K . -3.03 -7.95 18.80
O1 SO4 K . -3.65 -8.63 19.94
O2 SO4 K . -2.82 -8.90 17.72
O3 SO4 K . -3.93 -6.89 18.36
O4 SO4 K . -1.75 -7.37 19.20
#